data_4BM5
#
_entry.id   4BM5
#
_cell.length_a   121.100
_cell.length_b   121.100
_cell.length_c   242.400
_cell.angle_alpha   90.00
_cell.angle_beta   90.00
_cell.angle_gamma   120.00
#
_symmetry.space_group_name_H-M   'P 65 2 2'
#
_entity_poly.entity_id   1
_entity_poly.type   'polypeptide(L)'
_entity_poly.pdbx_seq_one_letter_code
;GQDEERDVGDDPFVRRAGAFLGIEAGTITIELSNLIDFYIRNGILEMENEQAVYPVNLRGVFDLNILQEMYRQYLIQSFA
AKSRTEKERLFNNLAHLGNILGLTSAEVNAIHSNIGSVIYKTYASQALTNNRLEEKDIEFLRNIQNMLSMDEATCRTLLQ
ETKEARAGFLFDKIFSRTFGMAEAVAEFRRVCRELDVDPVRDLKLTEDRRVRAFRAEIEHAIENGLITPENQSLLKESQE
ELGISAEKARQVLLDCIQDRCEALIVQAAASLRQRRQEGAARDLSRALRFGKLLPFQVQTPTVTGAERQELYLVYQAYAL
GTARSNAENDQVKEDLALLREMLGIQAA
;
_entity_poly.pdbx_strand_id   A
#
# COMPACT_ATOMS: atom_id res chain seq x y z
N SER A 33 -11.27 50.87 -0.15
CA SER A 33 -10.50 50.01 -1.12
C SER A 33 -10.73 48.51 -0.86
N ASN A 34 -9.67 47.71 -0.98
CA ASN A 34 -9.78 46.31 -0.67
C ASN A 34 -10.05 46.51 0.82
N LEU A 35 -9.68 47.72 1.27
CA LEU A 35 -9.81 48.23 2.64
C LEU A 35 -11.23 48.73 2.93
N ILE A 36 -11.92 49.16 1.88
CA ILE A 36 -13.30 49.58 2.04
C ILE A 36 -14.07 48.40 1.46
N ASP A 37 -13.33 47.47 0.87
CA ASP A 37 -13.91 46.28 0.28
C ASP A 37 -14.05 45.32 1.44
N PHE A 38 -12.98 45.17 2.20
CA PHE A 38 -13.07 44.30 3.34
C PHE A 38 -14.05 45.08 4.20
N TYR A 39 -14.14 46.38 3.94
CA TYR A 39 -15.06 47.23 4.68
C TYR A 39 -16.44 47.08 4.02
N ILE A 40 -16.48 46.29 2.97
CA ILE A 40 -17.74 46.01 2.31
C ILE A 40 -17.98 44.70 2.97
N ARG A 41 -16.87 44.05 3.27
CA ARG A 41 -16.92 42.79 3.97
C ARG A 41 -17.49 43.25 5.29
N ASN A 42 -17.40 44.56 5.55
CA ASN A 42 -17.94 45.14 6.77
C ASN A 42 -19.43 45.06 6.57
N GLY A 43 -19.80 44.67 5.36
CA GLY A 43 -21.20 44.49 5.04
C GLY A 43 -21.53 43.10 5.54
N ILE A 44 -20.91 42.08 4.93
CA ILE A 44 -21.13 40.71 5.36
C ILE A 44 -20.91 40.87 6.84
N LEU A 45 -19.75 41.44 7.15
CA LEU A 45 -19.28 41.78 8.50
C LEU A 45 -19.54 40.79 9.64
N GLU A 46 -19.29 39.52 9.38
CA GLU A 46 -19.48 38.58 10.45
C GLU A 46 -18.25 38.80 11.28
N MET A 47 -18.27 38.21 12.46
CA MET A 47 -17.14 38.28 13.36
C MET A 47 -16.82 36.81 13.28
N GLU A 48 -17.76 36.00 13.72
CA GLU A 48 -17.60 34.57 13.67
C GLU A 48 -17.06 34.18 12.29
N ASN A 49 -17.94 33.67 11.46
CA ASN A 49 -17.59 33.22 10.12
C ASN A 49 -16.68 34.18 9.39
N GLU A 50 -16.80 35.46 9.68
CA GLU A 50 -15.93 36.37 8.98
C GLU A 50 -14.55 36.14 9.54
N GLN A 51 -14.41 36.39 10.83
CA GLN A 51 -13.12 36.21 11.46
C GLN A 51 -12.63 34.85 11.10
N ALA A 52 -13.36 33.85 11.58
CA ALA A 52 -13.00 32.48 11.30
C ALA A 52 -12.45 32.38 9.89
N VAL A 53 -13.14 33.01 8.94
CA VAL A 53 -12.72 32.96 7.54
C VAL A 53 -11.32 33.52 7.37
N TYR A 54 -11.22 34.82 7.27
CA TYR A 54 -9.92 35.41 7.11
C TYR A 54 -8.98 34.67 8.03
N PRO A 55 -9.44 34.34 9.26
CA PRO A 55 -8.64 33.60 10.21
C PRO A 55 -8.14 32.29 9.64
N VAL A 56 -9.05 31.62 8.98
CA VAL A 56 -8.77 30.33 8.36
C VAL A 56 -7.74 30.53 7.26
N ASN A 57 -7.54 31.77 6.88
CA ASN A 57 -6.63 32.10 5.80
C ASN A 57 -5.28 32.51 6.27
N LEU A 58 -5.14 33.81 6.46
CA LEU A 58 -3.89 34.38 6.90
C LEU A 58 -3.13 33.32 7.66
N ARG A 59 -3.87 32.61 8.50
CA ARG A 59 -3.32 31.55 9.31
C ARG A 59 -2.72 30.45 8.46
N GLY A 60 -3.58 29.69 7.80
CA GLY A 60 -3.16 28.57 6.94
C GLY A 60 -2.02 28.92 5.98
N VAL A 61 -1.85 30.22 5.71
CA VAL A 61 -0.81 30.71 4.80
C VAL A 61 0.47 31.01 5.56
N LEU A 64 -3.85 33.05 -2.15
CA LEU A 64 -4.97 33.37 -1.22
C LEU A 64 -5.81 34.55 -1.73
N ASN A 65 -6.89 34.26 -2.48
CA ASN A 65 -7.78 35.31 -3.04
C ASN A 65 -8.77 35.79 -2.01
N ILE A 66 -8.52 36.98 -1.50
CA ILE A 66 -9.39 37.56 -0.50
C ILE A 66 -10.79 37.14 -0.83
N LEU A 67 -11.11 37.18 -2.10
CA LEU A 67 -12.42 36.81 -2.53
C LEU A 67 -12.66 35.34 -2.25
N GLN A 68 -11.76 34.52 -2.78
CA GLN A 68 -11.82 33.06 -2.68
C GLN A 68 -12.18 32.37 -1.37
N GLU A 69 -11.25 32.32 -0.42
CA GLU A 69 -11.58 31.63 0.81
C GLU A 69 -12.96 32.09 1.25
N MET A 70 -13.26 33.37 1.08
CA MET A 70 -14.55 33.91 1.47
C MET A 70 -15.65 32.92 1.18
N TYR A 71 -15.79 32.57 -0.09
CA TYR A 71 -16.82 31.62 -0.50
C TYR A 71 -16.55 30.35 0.24
N ARG A 72 -15.38 29.81 -0.04
CA ARG A 72 -14.94 28.58 0.58
C ARG A 72 -15.55 28.38 1.96
N GLN A 73 -14.85 28.81 3.00
CA GLN A 73 -15.31 28.66 4.38
C GLN A 73 -16.83 28.71 4.50
N TYR A 74 -17.42 29.72 3.87
CA TYR A 74 -18.86 29.91 3.93
C TYR A 74 -19.55 28.63 3.57
N LEU A 75 -19.38 28.25 2.32
CA LEU A 75 -19.96 27.05 1.74
C LEU A 75 -20.06 25.81 2.64
N ILE A 76 -18.92 25.43 3.23
CA ILE A 76 -18.83 24.26 4.10
C ILE A 76 -19.52 24.62 5.40
N GLN A 77 -19.58 25.93 5.67
CA GLN A 77 -20.24 26.44 6.85
C GLN A 77 -21.75 26.22 6.65
N SER A 78 -22.18 26.23 5.39
CA SER A 78 -23.59 26.03 5.01
C SER A 78 -23.96 24.57 4.97
N PHE A 79 -23.02 23.78 4.49
CA PHE A 79 -23.13 22.35 4.45
C PHE A 79 -23.40 21.84 5.86
N ALA A 80 -23.45 22.76 6.81
CA ALA A 80 -23.66 22.43 8.22
C ALA A 80 -25.08 22.19 8.66
N ALA A 81 -25.29 22.38 9.98
CA ALA A 81 -26.61 22.21 10.61
C ALA A 81 -27.50 23.45 10.57
N LYS A 82 -28.70 23.24 10.03
CA LYS A 82 -29.70 24.28 9.82
C LYS A 82 -30.59 24.82 10.96
N SER A 83 -30.97 26.09 10.78
CA SER A 83 -31.86 26.86 11.66
C SER A 83 -32.42 27.89 10.69
N ARG A 84 -33.56 27.55 10.08
CA ARG A 84 -34.29 28.38 9.11
C ARG A 84 -33.83 29.77 8.68
N THR A 85 -33.25 30.54 9.61
CA THR A 85 -32.81 31.91 9.32
C THR A 85 -31.29 31.96 9.09
N GLU A 86 -30.57 31.10 9.80
CA GLU A 86 -29.13 31.01 9.64
C GLU A 86 -29.01 30.25 8.33
N LYS A 87 -29.92 29.31 8.17
CA LYS A 87 -29.98 28.52 6.97
C LYS A 87 -30.12 29.56 5.88
N GLU A 88 -30.71 30.69 6.26
CA GLU A 88 -30.96 31.77 5.32
C GLU A 88 -29.83 32.76 5.18
N ARG A 89 -29.55 33.51 6.23
CA ARG A 89 -28.46 34.46 6.15
C ARG A 89 -27.29 33.78 5.50
N LEU A 90 -26.91 32.62 6.01
CA LEU A 90 -25.78 31.91 5.42
C LEU A 90 -25.96 31.81 3.91
N PHE A 91 -26.65 30.78 3.43
CA PHE A 91 -26.81 30.63 2.00
C PHE A 91 -27.31 31.93 1.35
N ASN A 92 -28.01 32.77 2.10
CA ASN A 92 -28.53 34.04 1.55
C ASN A 92 -27.38 34.98 1.22
N ASN A 93 -26.41 35.04 2.12
CA ASN A 93 -25.26 35.88 1.87
C ASN A 93 -24.38 35.01 1.01
N LEU A 94 -24.45 33.70 1.24
CA LEU A 94 -23.66 32.75 0.46
C LEU A 94 -23.99 33.11 -0.96
N ALA A 95 -25.18 33.67 -1.10
CA ALA A 95 -25.69 34.12 -2.37
C ALA A 95 -24.99 35.44 -2.70
N HIS A 96 -25.22 36.47 -1.88
CA HIS A 96 -24.61 37.79 -2.08
C HIS A 96 -23.11 37.64 -2.37
N LEU A 97 -22.64 36.43 -2.21
CA LEU A 97 -21.26 36.05 -2.44
C LEU A 97 -21.08 35.85 -3.94
N GLY A 98 -21.87 34.93 -4.48
CA GLY A 98 -21.81 34.68 -5.90
C GLY A 98 -22.16 36.01 -6.51
N ASN A 99 -22.81 36.81 -5.67
CA ASN A 99 -23.21 38.16 -6.03
C ASN A 99 -21.94 38.97 -6.12
N ILE A 100 -21.00 38.69 -5.23
CA ILE A 100 -19.72 39.40 -5.21
C ILE A 100 -18.90 38.98 -6.42
N LEU A 101 -18.50 37.71 -6.41
CA LEU A 101 -17.73 37.12 -7.48
C LEU A 101 -18.31 37.79 -8.67
N GLY A 102 -19.60 37.57 -8.84
CA GLY A 102 -20.38 38.12 -9.93
C GLY A 102 -19.49 38.65 -11.03
N VAL A 108 -22.48 26.20 -13.29
CA VAL A 108 -21.53 27.20 -13.84
C VAL A 108 -20.21 27.09 -13.09
N ASN A 109 -19.69 28.23 -12.64
CA ASN A 109 -18.47 28.23 -11.87
C ASN A 109 -18.86 27.41 -10.64
N ALA A 110 -20.15 27.35 -10.38
CA ALA A 110 -20.70 26.61 -9.25
C ALA A 110 -20.51 25.09 -9.33
N ILE A 111 -19.67 24.65 -10.25
CA ILE A 111 -19.40 23.23 -10.31
C ILE A 111 -18.25 23.11 -9.32
N HIS A 112 -17.67 24.26 -9.02
CA HIS A 112 -16.55 24.36 -8.09
C HIS A 112 -16.97 23.94 -6.71
N SER A 113 -18.25 24.09 -6.41
CA SER A 113 -18.75 23.68 -5.11
C SER A 113 -18.77 22.17 -5.09
N ASN A 114 -18.05 21.59 -6.05
CA ASN A 114 -17.94 20.14 -6.15
C ASN A 114 -16.47 19.82 -6.02
N ILE A 115 -15.61 20.73 -6.44
CA ILE A 115 -14.19 20.48 -6.29
C ILE A 115 -14.02 20.45 -4.79
N GLY A 116 -15.02 21.03 -4.12
CA GLY A 116 -15.04 21.15 -2.67
C GLY A 116 -15.14 19.85 -1.93
N SER A 117 -16.36 19.47 -1.57
CA SER A 117 -16.56 18.23 -0.83
C SER A 117 -15.54 17.23 -1.34
N VAL A 118 -15.28 17.26 -2.65
CA VAL A 118 -14.32 16.38 -3.29
C VAL A 118 -13.14 16.07 -2.37
N ILE A 119 -12.49 17.10 -1.85
CA ILE A 119 -11.38 16.90 -0.96
C ILE A 119 -11.92 16.70 0.44
N TYR A 120 -13.01 17.41 0.74
CA TYR A 120 -13.66 17.32 2.04
C TYR A 120 -13.91 15.87 2.25
N LYS A 121 -13.77 15.12 1.15
CA LYS A 121 -13.92 13.67 1.14
C LYS A 121 -12.52 13.11 1.09
N THR A 122 -11.96 13.05 -0.11
CA THR A 122 -10.59 12.57 -0.32
C THR A 122 -9.79 12.66 0.98
N TYR A 123 -9.85 13.81 1.65
CA TYR A 123 -9.12 13.97 2.91
C TYR A 123 -9.72 12.99 3.91
N ALA A 124 -10.67 13.46 4.71
CA ALA A 124 -11.31 12.61 5.69
C ALA A 124 -11.51 11.23 5.04
N SER A 125 -11.49 11.18 3.70
CA SER A 125 -11.67 9.93 2.95
C SER A 125 -10.52 9.01 3.24
N GLN A 126 -9.47 9.20 2.45
CA GLN A 126 -8.25 8.42 2.60
C GLN A 126 -7.87 8.53 4.07
N ALA A 127 -8.54 9.42 4.79
CA ALA A 127 -8.25 9.55 6.20
C ALA A 127 -8.44 8.14 6.75
N LEU A 128 -9.60 7.54 6.57
CA LEU A 128 -9.76 6.20 7.08
C LEU A 128 -8.94 5.24 6.26
N THR A 129 -7.97 5.78 5.53
CA THR A 129 -7.12 4.95 4.69
C THR A 129 -6.41 3.80 5.36
N ASN A 130 -5.21 4.03 5.92
CA ASN A 130 -4.44 2.92 6.52
C ASN A 130 -5.29 1.93 7.33
N ASN A 131 -5.79 0.91 6.61
CA ASN A 131 -6.67 -0.18 7.09
C ASN A 131 -7.41 -0.08 8.40
N ARG A 132 -8.61 0.52 8.33
CA ARG A 132 -9.55 0.74 9.43
C ARG A 132 -10.69 1.12 8.54
N LEU A 133 -11.02 0.16 7.70
CA LEU A 133 -12.13 0.23 6.72
C LEU A 133 -13.45 0.09 7.48
N GLU A 134 -13.62 -1.01 8.20
CA GLU A 134 -14.85 -1.14 9.05
C GLU A 134 -16.34 -0.96 8.56
N GLU A 135 -17.07 -0.41 9.52
CA GLU A 135 -18.44 -0.07 9.42
C GLU A 135 -18.21 1.30 9.97
N LYS A 136 -16.91 1.52 10.31
CA LYS A 136 -16.45 2.77 10.85
C LYS A 136 -16.39 3.61 9.65
N ASP A 137 -15.62 3.16 8.65
CA ASP A 137 -15.56 3.92 7.43
C ASP A 137 -16.99 3.99 6.95
N ILE A 138 -17.59 2.83 6.78
CA ILE A 138 -18.95 2.78 6.32
C ILE A 138 -19.62 3.98 6.93
N GLU A 139 -19.79 3.88 8.23
CA GLU A 139 -20.42 4.91 9.02
C GLU A 139 -19.95 6.34 8.70
N PHE A 140 -18.88 6.79 9.35
CA PHE A 140 -18.37 8.15 9.14
C PHE A 140 -18.57 8.58 7.68
N LEU A 141 -18.05 7.75 6.77
CA LEU A 141 -18.14 8.03 5.34
C LEU A 141 -19.51 8.56 4.93
N ARG A 142 -20.46 7.67 4.69
CA ARG A 142 -21.79 8.08 4.28
C ARG A 142 -22.07 9.47 4.84
N ASN A 143 -22.31 9.51 6.14
CA ASN A 143 -22.59 10.77 6.80
C ASN A 143 -21.73 11.86 6.18
N ILE A 144 -20.49 11.53 5.84
CA ILE A 144 -19.62 12.52 5.24
C ILE A 144 -20.22 13.00 3.95
N GLN A 145 -20.40 12.08 3.01
CA GLN A 145 -20.97 12.43 1.72
C GLN A 145 -22.35 13.05 1.90
N ASN A 146 -22.87 12.89 3.12
CA ASN A 146 -24.18 13.39 3.52
C ASN A 146 -24.20 14.91 3.65
N MET A 147 -23.24 15.45 4.39
CA MET A 147 -23.17 16.88 4.51
C MET A 147 -22.28 17.25 3.34
N LEU A 148 -22.84 17.00 2.16
CA LEU A 148 -22.20 17.23 0.88
C LEU A 148 -23.27 17.09 -0.20
N SER A 149 -22.85 17.07 -1.46
CA SER A 149 -23.76 16.88 -2.58
C SER A 149 -23.52 15.43 -2.95
N MET A 150 -22.42 15.20 -3.68
CA MET A 150 -21.92 13.90 -4.15
C MET A 150 -22.91 12.79 -4.54
N ASP A 151 -23.14 12.57 -5.83
CA ASP A 151 -24.02 11.48 -6.25
C ASP A 151 -23.11 10.28 -6.15
N GLU A 152 -23.46 9.15 -6.75
CA GLU A 152 -22.59 7.98 -6.71
C GLU A 152 -21.10 8.32 -6.80
N ALA A 153 -20.79 9.51 -7.30
CA ALA A 153 -19.41 9.99 -7.43
C ALA A 153 -18.61 9.52 -6.22
N THR A 154 -19.29 9.33 -5.09
CA THR A 154 -18.62 8.87 -3.90
C THR A 154 -17.58 7.84 -4.36
N CYS A 155 -18.05 6.68 -4.78
CA CYS A 155 -17.17 5.63 -5.27
C CYS A 155 -16.12 6.22 -6.17
N ARG A 156 -16.58 7.06 -7.11
CA ARG A 156 -15.71 7.71 -8.08
C ARG A 156 -14.47 8.25 -7.42
N THR A 157 -14.37 7.95 -6.13
CA THR A 157 -13.25 8.36 -5.35
C THR A 157 -13.07 7.29 -4.29
N LEU A 158 -14.17 6.87 -3.68
CA LEU A 158 -14.12 5.87 -2.63
C LEU A 158 -12.98 4.91 -2.90
N LEU A 159 -12.85 4.51 -4.16
CA LEU A 159 -11.76 3.61 -4.53
C LEU A 159 -10.62 4.46 -5.05
N GLN A 160 -10.92 5.40 -5.92
CA GLN A 160 -9.88 6.28 -6.43
C GLN A 160 -8.89 6.47 -5.28
N GLU A 161 -9.43 6.59 -4.08
CA GLU A 161 -8.61 6.74 -2.89
C GLU A 161 -8.11 5.36 -2.53
N THR A 162 -9.01 4.55 -1.99
CA THR A 162 -8.70 3.19 -1.56
C THR A 162 -7.77 2.61 -2.59
N LYS A 163 -7.98 3.00 -3.83
CA LYS A 163 -7.16 2.54 -4.94
C LYS A 163 -5.73 2.89 -4.64
N GLU A 164 -5.28 4.02 -5.17
CA GLU A 164 -3.91 4.42 -4.94
C GLU A 164 -3.55 4.26 -3.46
N ALA A 165 -4.56 4.24 -2.60
CA ALA A 165 -4.30 4.06 -1.17
C ALA A 165 -3.27 2.95 -1.00
N ARG A 166 -3.22 2.04 -1.97
CA ARG A 166 -2.28 0.93 -1.96
C ARG A 166 -1.01 1.35 -2.66
N ALA A 167 -1.18 2.12 -3.73
CA ALA A 167 -0.06 2.62 -4.52
C ALA A 167 1.08 3.19 -3.68
N GLY A 168 0.86 3.28 -2.38
CA GLY A 168 1.92 3.76 -1.51
C GLY A 168 2.67 2.50 -1.19
N PHE A 169 2.01 1.65 -0.42
CA PHE A 169 2.58 0.39 -0.02
C PHE A 169 3.15 -0.38 -1.21
N LEU A 170 2.33 -1.26 -1.82
CA LEU A 170 2.76 -2.09 -2.94
C LEU A 170 3.55 -1.39 -4.06
N PHE A 171 3.76 -0.07 -3.94
CA PHE A 171 4.52 0.65 -4.94
C PHE A 171 5.94 0.58 -4.46
N ASP A 172 6.16 1.17 -3.30
CA ASP A 172 7.46 1.18 -2.63
C ASP A 172 7.42 0.04 -1.60
N LYS A 173 7.10 -1.16 -2.10
CA LYS A 173 7.01 -2.36 -1.26
C LYS A 173 8.38 -2.70 -0.77
N ILE A 174 9.32 -1.81 -1.03
CA ILE A 174 10.72 -1.95 -0.62
C ILE A 174 11.22 -0.72 0.18
N PHE A 175 11.63 -0.94 1.44
CA PHE A 175 12.12 0.12 2.32
C PHE A 175 12.29 -0.39 3.75
N MET A 181 11.30 -6.56 4.85
CA MET A 181 10.02 -5.96 4.34
C MET A 181 9.07 -6.92 3.56
N ALA A 182 9.56 -7.54 2.49
CA ALA A 182 8.78 -8.48 1.71
C ALA A 182 7.48 -9.06 2.28
N GLU A 183 7.38 -9.31 3.59
CA GLU A 183 6.14 -9.88 4.12
C GLU A 183 5.02 -8.87 3.91
N ALA A 184 5.43 -7.61 3.72
CA ALA A 184 4.49 -6.53 3.49
C ALA A 184 4.27 -6.41 2.02
N VAL A 185 5.37 -6.38 1.27
CA VAL A 185 5.32 -6.30 -0.16
C VAL A 185 4.29 -7.37 -0.52
N ALA A 186 4.14 -8.34 0.36
CA ALA A 186 3.17 -9.39 0.18
C ALA A 186 1.92 -8.91 0.91
N GLU A 187 2.09 -8.27 2.06
CA GLU A 187 0.95 -7.74 2.79
C GLU A 187 0.08 -6.99 1.81
N PHE A 188 0.69 -6.52 0.73
CA PHE A 188 -0.07 -5.82 -0.29
C PHE A 188 -0.99 -6.90 -0.83
N ARG A 189 -0.39 -7.91 -1.44
CA ARG A 189 -1.18 -8.99 -2.01
C ARG A 189 -2.16 -9.52 -1.00
N ARG A 190 -1.96 -9.13 0.24
CA ARG A 190 -2.82 -9.59 1.29
C ARG A 190 -4.10 -8.78 1.27
N VAL A 191 -3.94 -7.48 1.42
CA VAL A 191 -5.08 -6.61 1.44
C VAL A 191 -5.19 -5.85 0.14
N CYS A 192 -4.07 -5.67 -0.56
CA CYS A 192 -4.15 -4.94 -1.82
C CYS A 192 -4.99 -5.73 -2.80
N ARG A 193 -5.85 -6.56 -2.25
CA ARG A 193 -6.77 -7.35 -3.01
C ARG A 193 -8.03 -7.05 -2.26
N GLU A 194 -7.93 -7.10 -0.94
CA GLU A 194 -9.06 -6.83 -0.06
C GLU A 194 -9.79 -5.52 -0.44
N LEU A 195 -9.02 -4.47 -0.70
CA LEU A 195 -9.61 -3.20 -1.08
C LEU A 195 -9.79 -3.18 -2.59
N ASP A 196 -8.67 -3.16 -3.32
CA ASP A 196 -8.68 -3.14 -4.78
C ASP A 196 -9.17 -4.47 -5.31
N VAL A 197 -10.23 -4.97 -4.68
CA VAL A 197 -10.88 -6.23 -5.00
C VAL A 197 -11.62 -6.74 -3.74
N GLU A 207 7.35 -1.98 -15.64
CA GLU A 207 6.72 -2.83 -14.59
C GLU A 207 7.57 -4.06 -14.24
N ASP A 208 8.23 -3.98 -13.08
CA ASP A 208 9.07 -5.05 -12.56
C ASP A 208 8.26 -5.71 -11.46
N ARG A 209 6.95 -5.69 -11.63
CA ARG A 209 6.02 -6.27 -10.66
C ARG A 209 6.26 -7.74 -10.41
N ARG A 210 6.98 -8.39 -11.34
CA ARG A 210 7.30 -9.83 -11.24
C ARG A 210 8.60 -10.06 -10.49
N VAL A 211 9.43 -9.01 -10.44
CA VAL A 211 10.70 -9.04 -9.75
C VAL A 211 10.48 -9.21 -8.25
N ARG A 212 9.86 -8.22 -7.63
CA ARG A 212 9.65 -8.34 -6.20
C ARG A 212 8.80 -9.58 -6.02
N ALA A 213 7.82 -9.77 -6.87
CA ALA A 213 6.90 -10.91 -6.82
C ALA A 213 7.67 -12.17 -6.58
N PHE A 214 8.78 -12.31 -7.30
CA PHE A 214 9.66 -13.47 -7.16
C PHE A 214 10.58 -13.29 -5.97
N ARG A 215 11.24 -12.15 -5.90
CA ARG A 215 12.13 -11.89 -4.79
C ARG A 215 11.37 -12.15 -3.50
N ALA A 216 10.21 -11.52 -3.35
CA ALA A 216 9.41 -11.71 -2.15
C ALA A 216 8.98 -13.14 -2.11
N GLU A 217 9.06 -13.80 -3.26
CA GLU A 217 8.66 -15.20 -3.31
C GLU A 217 9.85 -16.06 -2.93
N ILE A 218 11.05 -15.60 -3.29
CA ILE A 218 12.29 -16.34 -2.99
C ILE A 218 12.61 -16.30 -1.50
N GLU A 219 12.78 -15.09 -0.98
CA GLU A 219 13.09 -14.85 0.43
C GLU A 219 12.04 -15.50 1.33
N HIS A 220 10.79 -15.36 0.94
CA HIS A 220 9.69 -15.92 1.69
C HIS A 220 9.71 -17.44 1.65
N ALA A 221 9.86 -18.01 0.46
CA ALA A 221 9.87 -19.47 0.29
C ALA A 221 11.01 -20.16 1.02
N ILE A 222 12.23 -19.61 0.89
CA ILE A 222 13.41 -20.17 1.53
C ILE A 222 13.32 -20.12 3.06
N GLU A 223 13.05 -18.94 3.59
CA GLU A 223 12.89 -18.79 5.03
C GLU A 223 11.77 -19.73 5.49
N ASN A 224 10.60 -19.60 4.86
CA ASN A 224 9.42 -20.41 5.17
C ASN A 224 9.76 -21.73 5.83
N SER A 233 1.85 -27.55 1.74
CA SER A 233 3.33 -27.81 1.74
C SER A 233 3.98 -27.41 0.39
N LEU A 234 4.93 -28.21 -0.09
CA LEU A 234 5.60 -27.91 -1.36
C LEU A 234 4.65 -27.42 -2.47
N LEU A 235 3.61 -28.18 -2.79
CA LEU A 235 2.68 -27.78 -3.86
C LEU A 235 1.60 -26.77 -3.44
N LYS A 236 1.28 -26.72 -2.16
CA LYS A 236 0.26 -25.80 -1.63
C LYS A 236 0.97 -24.50 -1.24
N GLU A 237 2.30 -24.56 -1.22
CA GLU A 237 3.13 -23.39 -0.93
C GLU A 237 3.43 -22.88 -2.33
N SER A 238 3.24 -23.76 -3.31
CA SER A 238 3.41 -23.37 -4.69
C SER A 238 2.30 -22.32 -4.75
N GLN A 239 1.24 -22.57 -3.96
CA GLN A 239 0.05 -21.70 -3.85
C GLN A 239 0.39 -20.38 -3.15
N GLU A 240 1.58 -20.38 -2.54
CA GLU A 240 2.10 -19.21 -1.87
C GLU A 240 2.91 -18.50 -2.97
N GLU A 241 3.53 -19.29 -3.85
CA GLU A 241 4.29 -18.74 -4.96
C GLU A 241 3.27 -18.50 -6.07
N LEU A 242 2.06 -18.99 -5.83
CA LEU A 242 0.94 -18.86 -6.75
C LEU A 242 0.23 -17.61 -6.34
N GLY A 243 0.61 -17.09 -5.18
CA GLY A 243 0.04 -15.86 -4.71
C GLY A 243 0.76 -14.82 -5.56
N ILE A 244 1.91 -15.23 -6.10
CA ILE A 244 2.77 -14.41 -6.94
C ILE A 244 2.25 -14.46 -8.38
N SER A 245 1.63 -15.57 -8.73
CA SER A 245 1.05 -15.73 -10.05
C SER A 245 -0.28 -15.00 -9.96
N ALA A 246 -0.54 -14.48 -8.76
CA ALA A 246 -1.75 -13.71 -8.46
C ALA A 246 -1.24 -12.28 -8.34
N GLU A 247 -0.44 -11.91 -9.33
CA GLU A 247 0.16 -10.60 -9.44
C GLU A 247 0.96 -10.60 -10.74
N LYS A 248 1.75 -11.64 -10.92
CA LYS A 248 2.57 -11.80 -12.12
C LYS A 248 2.05 -12.98 -12.91
N ALA A 249 2.58 -13.16 -14.12
CA ALA A 249 2.19 -14.27 -14.97
C ALA A 249 2.45 -15.57 -14.19
N ARG A 250 2.11 -16.70 -14.79
CA ARG A 250 2.34 -18.01 -14.16
C ARG A 250 3.34 -18.78 -15.01
N GLN A 251 4.00 -18.04 -15.91
CA GLN A 251 4.98 -18.60 -16.83
C GLN A 251 6.37 -17.99 -16.61
N VAL A 252 6.52 -17.22 -15.54
CA VAL A 252 7.80 -16.58 -15.28
C VAL A 252 8.64 -17.37 -14.27
N LEU A 253 8.62 -18.70 -14.38
CA LEU A 253 9.42 -19.54 -13.48
C LEU A 253 10.91 -19.44 -13.86
N LEU A 254 11.18 -18.88 -15.05
CA LEU A 254 12.55 -18.71 -15.58
C LEU A 254 13.15 -17.37 -15.18
N ASP A 255 12.43 -16.64 -14.35
CA ASP A 255 12.87 -15.36 -13.82
C ASP A 255 12.84 -15.70 -12.34
N CYS A 256 12.39 -16.92 -12.08
CA CYS A 256 12.25 -17.53 -10.76
C CYS A 256 13.47 -18.42 -10.63
N ILE A 257 13.74 -19.14 -11.70
CA ILE A 257 14.88 -20.02 -11.75
C ILE A 257 16.15 -19.20 -11.89
N GLN A 258 16.10 -18.13 -12.66
CA GLN A 258 17.27 -17.27 -12.82
C GLN A 258 17.31 -16.41 -11.56
N ASP A 259 16.31 -16.65 -10.71
CA ASP A 259 16.13 -15.93 -9.45
C ASP A 259 16.34 -16.81 -8.22
N ARG A 260 16.30 -18.12 -8.41
CA ARG A 260 16.50 -19.07 -7.33
C ARG A 260 17.79 -19.86 -7.57
N CYS A 261 18.41 -19.61 -8.72
CA CYS A 261 19.66 -20.29 -9.10
C CYS A 261 20.87 -19.48 -8.69
N GLU A 262 20.83 -18.17 -8.90
CA GLU A 262 21.97 -17.32 -8.53
C GLU A 262 22.04 -17.07 -7.00
N ALA A 263 21.29 -17.90 -6.27
CA ALA A 263 21.23 -17.84 -4.81
C ALA A 263 22.03 -19.00 -4.22
N LEU A 264 21.78 -20.21 -4.73
CA LEU A 264 22.46 -21.42 -4.27
C LEU A 264 23.96 -21.19 -4.21
N ILE A 265 24.49 -20.53 -5.23
CA ILE A 265 25.91 -20.22 -5.35
C ILE A 265 26.59 -19.63 -4.10
N VAL A 266 26.21 -18.40 -3.72
CA VAL A 266 26.77 -17.71 -2.55
C VAL A 266 27.04 -18.68 -1.39
N GLN A 267 26.10 -19.61 -1.22
CA GLN A 267 26.20 -20.62 -0.18
C GLN A 267 27.36 -21.56 -0.57
N ALA A 268 27.50 -21.81 -1.87
CA ALA A 268 28.57 -22.67 -2.37
C ALA A 268 29.88 -21.90 -2.14
N ALA A 269 29.97 -20.71 -2.72
CA ALA A 269 31.16 -19.88 -2.60
C ALA A 269 31.58 -19.63 -1.16
N ALA A 270 30.65 -19.15 -0.33
CA ALA A 270 30.95 -18.82 1.08
C ALA A 270 31.11 -19.97 2.11
N SER A 271 30.25 -20.98 2.02
CA SER A 271 30.29 -22.11 2.94
C SER A 271 31.57 -22.88 2.67
N LEU A 272 31.89 -22.97 1.39
CA LEU A 272 33.06 -23.67 0.92
C LEU A 272 34.44 -23.08 1.27
N ARG A 273 34.50 -21.95 1.96
CA ARG A 273 35.79 -21.28 2.22
C ARG A 273 36.94 -21.73 3.18
N GLN A 274 36.71 -22.27 4.38
CA GLN A 274 37.92 -22.55 5.18
C GLN A 274 38.09 -23.57 6.30
N ARG A 275 37.28 -23.50 7.37
CA ARG A 275 37.49 -24.40 8.52
C ARG A 275 36.57 -25.64 8.81
N ARG A 276 35.25 -25.44 8.85
CA ARG A 276 34.34 -26.54 9.19
C ARG A 276 33.15 -26.97 8.32
N GLN A 277 32.32 -26.04 7.84
CA GLN A 277 31.18 -26.49 7.05
C GLN A 277 30.59 -25.63 5.92
N GLU A 278 30.03 -26.35 4.97
CA GLU A 278 29.33 -25.82 3.80
C GLU A 278 28.13 -26.75 3.83
N GLY A 279 27.92 -27.33 5.02
CA GLY A 279 26.82 -28.23 5.24
C GLY A 279 25.58 -27.40 5.52
N ALA A 280 25.79 -26.22 6.09
CA ALA A 280 24.71 -25.31 6.41
C ALA A 280 24.21 -24.65 5.12
N ALA A 281 25.17 -24.11 4.37
CA ALA A 281 24.86 -23.44 3.11
C ALA A 281 24.29 -24.46 2.15
N ARG A 282 24.37 -25.72 2.54
CA ARG A 282 23.85 -26.83 1.75
C ARG A 282 22.42 -27.07 2.19
N ASP A 283 22.22 -27.37 3.48
CA ASP A 283 20.90 -27.63 4.04
C ASP A 283 19.82 -26.69 3.50
N LEU A 284 20.12 -25.39 3.51
CA LEU A 284 19.20 -24.35 3.04
C LEU A 284 19.28 -24.07 1.53
N SER A 285 20.47 -24.15 0.93
CA SER A 285 20.61 -23.92 -0.51
C SER A 285 20.16 -25.19 -1.24
N ARG A 286 20.31 -26.32 -0.54
CA ARG A 286 19.88 -27.62 -1.03
C ARG A 286 18.41 -27.66 -0.61
N ALA A 287 17.89 -26.48 -0.29
CA ALA A 287 16.49 -26.29 0.04
C ALA A 287 16.03 -25.53 -1.20
N LEU A 288 16.14 -26.24 -2.31
CA LEU A 288 15.78 -25.78 -3.64
C LEU A 288 15.11 -27.02 -4.26
N ARG A 289 14.70 -26.94 -5.53
CA ARG A 289 14.05 -28.07 -6.22
C ARG A 289 13.14 -27.59 -7.33
N GLN A 309 38.31 -28.21 -5.33
CA GLN A 309 36.98 -27.72 -4.86
C GLN A 309 35.85 -28.58 -5.41
N GLU A 310 35.94 -28.96 -6.69
CA GLU A 310 34.92 -29.77 -7.34
C GLU A 310 34.29 -30.95 -6.59
N LEU A 311 35.08 -31.82 -5.98
CA LEU A 311 34.46 -32.94 -5.26
C LEU A 311 34.53 -32.50 -3.81
N TYR A 312 35.35 -31.48 -3.61
CA TYR A 312 35.56 -30.92 -2.29
C TYR A 312 34.24 -30.69 -1.56
N LEU A 313 33.39 -29.80 -2.06
CA LEU A 313 32.12 -29.55 -1.40
C LEU A 313 31.26 -30.80 -1.52
N VAL A 314 31.66 -31.73 -2.39
CA VAL A 314 30.91 -32.98 -2.55
C VAL A 314 31.17 -33.74 -1.27
N TYR A 315 31.97 -33.11 -0.42
CA TYR A 315 32.35 -33.65 0.89
C TYR A 315 31.42 -33.09 1.95
N GLN A 316 30.78 -31.97 1.65
CA GLN A 316 29.81 -31.42 2.59
C GLN A 316 28.70 -32.44 2.44
N ALA A 317 28.61 -32.97 1.23
CA ALA A 317 27.63 -33.99 0.85
C ALA A 317 28.08 -35.28 1.49
N TYR A 318 29.35 -35.32 1.82
CA TYR A 318 29.93 -36.47 2.47
C TYR A 318 29.82 -36.18 3.96
N ALA A 319 30.12 -34.93 4.29
CA ALA A 319 30.11 -34.40 5.65
C ALA A 319 28.80 -34.73 6.34
N LEU A 320 27.71 -34.20 5.80
CA LEU A 320 26.42 -34.51 6.36
C LEU A 320 26.26 -36.01 6.04
N GLY A 321 26.85 -36.41 4.92
CA GLY A 321 26.78 -37.79 4.48
C GLY A 321 26.72 -38.71 5.66
N THR A 322 27.50 -38.40 6.67
CA THR A 322 27.54 -39.19 7.90
C THR A 322 26.96 -38.36 9.02
N ALA A 323 27.29 -37.07 9.00
CA ALA A 323 26.83 -36.14 10.01
C ALA A 323 25.31 -36.20 10.05
N ARG A 324 24.73 -36.24 8.85
CA ARG A 324 23.29 -36.32 8.71
C ARG A 324 22.90 -37.67 9.25
N SER A 325 23.72 -38.66 8.92
CA SER A 325 23.53 -40.03 9.38
C SER A 325 23.64 -39.92 10.89
N ASN A 326 22.68 -39.18 11.45
CA ASN A 326 22.55 -38.90 12.87
C ASN A 326 21.26 -39.57 13.40
N ALA A 327 20.82 -40.61 12.71
CA ALA A 327 19.60 -41.33 13.08
C ALA A 327 19.36 -42.51 12.17
N GLU A 328 19.75 -42.37 10.91
CA GLU A 328 19.54 -43.42 9.91
C GLU A 328 18.07 -43.83 9.97
N ASN A 329 17.19 -42.84 10.13
CA ASN A 329 15.75 -43.06 10.19
C ASN A 329 15.28 -43.53 8.83
N ASP A 330 14.04 -44.03 8.77
CA ASP A 330 13.50 -44.49 7.50
C ASP A 330 13.74 -43.38 6.44
N GLN A 331 13.20 -42.19 6.72
CA GLN A 331 13.35 -41.05 5.81
C GLN A 331 14.81 -40.61 5.74
N VAL A 332 15.47 -40.49 6.88
CA VAL A 332 16.86 -40.09 6.91
C VAL A 332 17.58 -40.87 5.81
N LYS A 333 17.08 -42.08 5.57
CA LYS A 333 17.64 -42.94 4.55
C LYS A 333 17.40 -42.39 3.14
N GLU A 334 16.18 -41.92 2.87
CA GLU A 334 15.85 -41.39 1.52
C GLU A 334 16.20 -39.92 1.25
N ASP A 335 16.21 -39.12 2.30
CA ASP A 335 16.52 -37.71 2.18
C ASP A 335 18.03 -37.48 2.11
N LEU A 336 18.78 -38.47 2.55
CA LEU A 336 20.24 -38.38 2.57
C LEU A 336 20.81 -38.64 1.18
N ALA A 337 20.21 -39.62 0.49
CA ALA A 337 20.62 -40.05 -0.85
C ALA A 337 20.29 -39.11 -2.03
N LEU A 338 19.03 -38.79 -2.18
CA LEU A 338 18.62 -37.95 -3.30
C LEU A 338 19.23 -36.59 -3.10
N LEU A 339 19.26 -36.17 -1.84
CA LEU A 339 19.81 -34.90 -1.49
C LEU A 339 21.25 -34.92 -1.91
N ARG A 340 21.95 -35.94 -1.42
CA ARG A 340 23.36 -36.13 -1.74
C ARG A 340 23.44 -36.46 -3.21
N GLU A 341 22.27 -36.47 -3.85
CA GLU A 341 22.21 -36.73 -5.27
C GLU A 341 22.12 -35.35 -5.90
N MET A 342 21.73 -34.37 -5.11
CA MET A 342 21.60 -33.00 -5.60
C MET A 342 22.89 -32.26 -5.54
N LEU A 343 23.56 -32.34 -4.40
CA LEU A 343 24.85 -31.69 -4.33
C LEU A 343 25.51 -32.49 -5.44
N GLY A 344 25.10 -33.76 -5.50
CA GLY A 344 25.62 -34.67 -6.49
C GLY A 344 25.06 -34.37 -7.86
N ILE A 345 23.85 -33.81 -7.91
CA ILE A 345 23.26 -33.45 -9.19
C ILE A 345 23.87 -32.10 -9.53
N GLN A 346 23.99 -31.26 -8.51
CA GLN A 346 24.62 -29.95 -8.64
C GLN A 346 26.10 -30.24 -8.39
N ALA A 347 26.59 -31.28 -9.08
CA ALA A 347 27.96 -31.73 -9.01
C ALA A 347 28.89 -30.62 -9.44
N ALA A 348 29.78 -30.23 -8.54
CA ALA A 348 30.79 -29.18 -8.77
C ALA A 348 30.30 -27.75 -8.53
#